data_6C3S
# 
_entry.id   6C3S 
# 
_audit_conform.dict_name       mmcif_pdbx.dic 
_audit_conform.dict_version    5.389 
_audit_conform.dict_location   http://mmcif.pdb.org/dictionaries/ascii/mmcif_pdbx.dic 
# 
loop_
_database_2.database_id 
_database_2.database_code 
_database_2.pdbx_database_accession 
_database_2.pdbx_DOI 
PDB   6C3S         pdb_00006c3s 10.2210/pdb6c3s/pdb 
WWPDB D_1000232003 ?            ?                   
# 
loop_
_pdbx_audit_revision_history.ordinal 
_pdbx_audit_revision_history.data_content_type 
_pdbx_audit_revision_history.major_revision 
_pdbx_audit_revision_history.minor_revision 
_pdbx_audit_revision_history.revision_date 
1 'Structure model' 1 0 2018-04-18 
2 'Structure model' 1 1 2018-07-18 
3 'Structure model' 1 2 2024-03-13 
4 'Structure model' 1 3 2024-04-03 
# 
_pdbx_audit_revision_details.ordinal             1 
_pdbx_audit_revision_details.revision_ordinal    1 
_pdbx_audit_revision_details.data_content_type   'Structure model' 
_pdbx_audit_revision_details.provider            repository 
_pdbx_audit_revision_details.type                'Initial release' 
_pdbx_audit_revision_details.description         ? 
_pdbx_audit_revision_details.details             ? 
# 
loop_
_pdbx_audit_revision_group.ordinal 
_pdbx_audit_revision_group.revision_ordinal 
_pdbx_audit_revision_group.data_content_type 
_pdbx_audit_revision_group.group 
1 2 'Structure model' 'Data collection'        
2 2 'Structure model' 'Database references'    
3 3 'Structure model' 'Data collection'        
4 3 'Structure model' 'Database references'    
5 4 'Structure model' 'Refinement description' 
# 
loop_
_pdbx_audit_revision_category.ordinal 
_pdbx_audit_revision_category.revision_ordinal 
_pdbx_audit_revision_category.data_content_type 
_pdbx_audit_revision_category.category 
1 2 'Structure model' citation                      
2 3 'Structure model' chem_comp_atom                
3 3 'Structure model' chem_comp_bond                
4 3 'Structure model' database_2                    
5 4 'Structure model' pdbx_initial_refinement_model 
# 
loop_
_pdbx_audit_revision_item.ordinal 
_pdbx_audit_revision_item.revision_ordinal 
_pdbx_audit_revision_item.data_content_type 
_pdbx_audit_revision_item.item 
1 2 'Structure model' '_citation.journal_volume'            
2 2 'Structure model' '_citation.page_first'                
3 2 'Structure model' '_citation.page_last'                 
4 2 'Structure model' '_citation.title'                     
5 3 'Structure model' '_database_2.pdbx_DOI'                
6 3 'Structure model' '_database_2.pdbx_database_accession' 
# 
_pdbx_database_status.status_code                     REL 
_pdbx_database_status.status_code_sf                  REL 
_pdbx_database_status.status_code_mr                  ? 
_pdbx_database_status.entry_id                        6C3S 
_pdbx_database_status.recvd_initial_deposition_date   2018-01-10 
_pdbx_database_status.SG_entry                        N 
_pdbx_database_status.deposit_site                    RCSB 
_pdbx_database_status.process_site                    RCSB 
_pdbx_database_status.status_code_cs                  ? 
_pdbx_database_status.methods_development_category    ? 
_pdbx_database_status.pdb_format_compatible           Y 
_pdbx_database_status.status_code_nmr_data            ? 
# 
loop_
_pdbx_database_related.db_name 
_pdbx_database_related.details 
_pdbx_database_related.db_id 
_pdbx_database_related.content_type 
PDB . 6C3F unspecified 
PDB . 6C3G unspecified 
# 
loop_
_audit_author.name 
_audit_author.pdbx_ordinal 
_audit_author.identifier_ORCID 
'Sievers, S.A.'   1 ?                   
'Sawaya, M.R.'    2 0000-0003-0874-9043 
'Saelices, L.'    3 0000-0002-1904-2150 
'Eisenberg, D.S.' 4 0000-0003-2432-5419 
# 
_citation.abstract                  ? 
_citation.abstract_id_CAS           ? 
_citation.book_id_ISBN              ? 
_citation.book_publisher            ? 
_citation.book_publisher_city       ? 
_citation.book_title                ? 
_citation.coordinate_linkage        ? 
_citation.country                   US 
_citation.database_id_Medline       ? 
_citation.details                   ? 
_citation.id                        primary 
_citation.journal_abbrev            'Protein Sci.' 
_citation.journal_id_ASTM           PRCIEI 
_citation.journal_id_CSD            0795 
_citation.journal_id_ISSN           1469-896X 
_citation.journal_full              ? 
_citation.journal_issue             ? 
_citation.journal_volume            27 
_citation.language                  ? 
_citation.page_first                1295 
_citation.page_last                 1303 
_citation.title                     'Crystal structures of amyloidogenic segments of human transthyretin.' 
_citation.year                      2018 
_citation.database_id_CSD           ? 
_citation.pdbx_database_id_DOI      10.1002/pro.3420 
_citation.pdbx_database_id_PubMed   29626847 
_citation.unpublished_flag          ? 
# 
loop_
_citation_author.citation_id 
_citation_author.name 
_citation_author.ordinal 
_citation_author.identifier_ORCID 
primary 'Saelices, L.'    1 ? 
primary 'Sievers, S.A.'   2 ? 
primary 'Sawaya, M.R.'    3 ? 
primary 'Eisenberg, D.S.' 4 ? 
# 
loop_
_entity.id 
_entity.type 
_entity.src_method 
_entity.pdbx_description 
_entity.formula_weight 
_entity.pdbx_number_of_molecules 
_entity.pdbx_ec 
_entity.pdbx_mutation 
_entity.pdbx_fragment 
_entity.details 
1 polymer syn TYR-THR-ILE-ALA-ALA-LEU 650.764 1 ? ? ? ? 
2 water   nat water                   18.015  4 ? ? ? ? 
# 
_entity_poly.entity_id                      1 
_entity_poly.type                           'polypeptide(L)' 
_entity_poly.nstd_linkage                   no 
_entity_poly.nstd_monomer                   no 
_entity_poly.pdbx_seq_one_letter_code       YTIAAL 
_entity_poly.pdbx_seq_one_letter_code_can   YTIAAL 
_entity_poly.pdbx_strand_id                 A 
_entity_poly.pdbx_target_identifier         ? 
# 
_pdbx_entity_nonpoly.entity_id   2 
_pdbx_entity_nonpoly.name        water 
_pdbx_entity_nonpoly.comp_id     HOH 
# 
loop_
_entity_poly_seq.entity_id 
_entity_poly_seq.num 
_entity_poly_seq.mon_id 
_entity_poly_seq.hetero 
1 1 TYR n 
1 2 THR n 
1 3 ILE n 
1 4 ALA n 
1 5 ALA n 
1 6 LEU n 
# 
_pdbx_entity_src_syn.entity_id              1 
_pdbx_entity_src_syn.pdbx_src_id            1 
_pdbx_entity_src_syn.pdbx_alt_source_flag   sample 
_pdbx_entity_src_syn.pdbx_beg_seq_num       1 
_pdbx_entity_src_syn.pdbx_end_seq_num       6 
_pdbx_entity_src_syn.organism_scientific    'Homo sapiens' 
_pdbx_entity_src_syn.organism_common_name   ? 
_pdbx_entity_src_syn.ncbi_taxonomy_id       9606 
_pdbx_entity_src_syn.details                ? 
# 
loop_
_chem_comp.id 
_chem_comp.type 
_chem_comp.mon_nstd_flag 
_chem_comp.name 
_chem_comp.pdbx_synonyms 
_chem_comp.formula 
_chem_comp.formula_weight 
ALA 'L-peptide linking' y ALANINE    ? 'C3 H7 N O2'  89.093  
HOH non-polymer         . WATER      ? 'H2 O'        18.015  
ILE 'L-peptide linking' y ISOLEUCINE ? 'C6 H13 N O2' 131.173 
LEU 'L-peptide linking' y LEUCINE    ? 'C6 H13 N O2' 131.173 
THR 'L-peptide linking' y THREONINE  ? 'C4 H9 N O3'  119.119 
TYR 'L-peptide linking' y TYROSINE   ? 'C9 H11 N O3' 181.189 
# 
loop_
_pdbx_poly_seq_scheme.asym_id 
_pdbx_poly_seq_scheme.entity_id 
_pdbx_poly_seq_scheme.seq_id 
_pdbx_poly_seq_scheme.mon_id 
_pdbx_poly_seq_scheme.ndb_seq_num 
_pdbx_poly_seq_scheme.pdb_seq_num 
_pdbx_poly_seq_scheme.auth_seq_num 
_pdbx_poly_seq_scheme.pdb_mon_id 
_pdbx_poly_seq_scheme.auth_mon_id 
_pdbx_poly_seq_scheme.pdb_strand_id 
_pdbx_poly_seq_scheme.pdb_ins_code 
_pdbx_poly_seq_scheme.hetero 
A 1 1 TYR 1 1 1 TYR TYR A . n 
A 1 2 THR 2 2 2 THR THR A . n 
A 1 3 ILE 3 3 3 ILE ILE A . n 
A 1 4 ALA 4 4 4 ALA ALA A . n 
A 1 5 ALA 5 5 5 ALA ALA A . n 
A 1 6 LEU 6 6 6 LEU LEU A . n 
# 
loop_
_pdbx_nonpoly_scheme.asym_id 
_pdbx_nonpoly_scheme.entity_id 
_pdbx_nonpoly_scheme.mon_id 
_pdbx_nonpoly_scheme.ndb_seq_num 
_pdbx_nonpoly_scheme.pdb_seq_num 
_pdbx_nonpoly_scheme.auth_seq_num 
_pdbx_nonpoly_scheme.pdb_mon_id 
_pdbx_nonpoly_scheme.auth_mon_id 
_pdbx_nonpoly_scheme.pdb_strand_id 
_pdbx_nonpoly_scheme.pdb_ins_code 
B 2 HOH 1 101 1 HOH HOH A . 
B 2 HOH 2 102 2 HOH HOH A . 
B 2 HOH 3 103 3 HOH HOH A . 
B 2 HOH 4 104 4 HOH HOH A . 
# 
loop_
_software.citation_id 
_software.classification 
_software.compiler_name 
_software.compiler_version 
_software.contact_author 
_software.contact_author_email 
_software.date 
_software.description 
_software.dependencies 
_software.hardware 
_software.language 
_software.location 
_software.mods 
_software.name 
_software.os 
_software.os_version 
_software.type 
_software.version 
_software.pdbx_ordinal 
? refinement       ? ? ? ? ? ? ? ? ? ? ? PHENIX    ? ? ? dev_1555 1 
? 'data reduction' ? ? ? ? ? ? ? ? ? ? ? DENZO     ? ? ? .        2 
? 'data scaling'   ? ? ? ? ? ? ? ? ? ? ? SCALEPACK ? ? ? .        3 
? phasing          ? ? ? ? ? ? ? ? ? ? ? PHASER    ? ? ? .        4 
# 
_cell.angle_alpha                  90.000 
_cell.angle_alpha_esd              ? 
_cell.angle_beta                   90.000 
_cell.angle_beta_esd               ? 
_cell.angle_gamma                  90.000 
_cell.angle_gamma_esd              ? 
_cell.entry_id                     6C3S 
_cell.details                      ? 
_cell.formula_units_Z              ? 
_cell.length_a                     18.746 
_cell.length_a_esd                 ? 
_cell.length_b                     9.578 
_cell.length_b_esd                 ? 
_cell.length_c                     44.796 
_cell.length_c_esd                 ? 
_cell.volume                       ? 
_cell.volume_esd                   ? 
_cell.Z_PDB                        8 
_cell.reciprocal_angle_alpha       ? 
_cell.reciprocal_angle_beta        ? 
_cell.reciprocal_angle_gamma       ? 
_cell.reciprocal_angle_alpha_esd   ? 
_cell.reciprocal_angle_beta_esd    ? 
_cell.reciprocal_angle_gamma_esd   ? 
_cell.reciprocal_length_a          ? 
_cell.reciprocal_length_b          ? 
_cell.reciprocal_length_c          ? 
_cell.reciprocal_length_a_esd      ? 
_cell.reciprocal_length_b_esd      ? 
_cell.reciprocal_length_c_esd      ? 
_cell.pdbx_unique_axis             ? 
# 
_symmetry.entry_id                         6C3S 
_symmetry.cell_setting                     ? 
_symmetry.Int_Tables_number                23 
_symmetry.space_group_name_Hall            ? 
_symmetry.space_group_name_H-M             'I 2 2 2' 
_symmetry.pdbx_full_space_group_name_H-M   ? 
# 
_exptl.absorpt_coefficient_mu     ? 
_exptl.absorpt_correction_T_max   ? 
_exptl.absorpt_correction_T_min   ? 
_exptl.absorpt_correction_type    ? 
_exptl.absorpt_process_details    ? 
_exptl.entry_id                   6C3S 
_exptl.crystals_number            1 
_exptl.details                    ? 
_exptl.method                     'X-RAY DIFFRACTION' 
_exptl.method_details             ? 
# 
_exptl_crystal.colour                      ? 
_exptl_crystal.density_diffrn              ? 
_exptl_crystal.density_Matthews            1.54 
_exptl_crystal.density_method              ? 
_exptl_crystal.density_percent_sol         20.38 
_exptl_crystal.description                 ? 
_exptl_crystal.F_000                       ? 
_exptl_crystal.id                          1 
_exptl_crystal.preparation                 ? 
_exptl_crystal.size_max                    ? 
_exptl_crystal.size_mid                    ? 
_exptl_crystal.size_min                    ? 
_exptl_crystal.size_rad                    ? 
_exptl_crystal.colour_lustre               ? 
_exptl_crystal.colour_modifier             ? 
_exptl_crystal.colour_primary              ? 
_exptl_crystal.density_meas                ? 
_exptl_crystal.density_meas_esd            ? 
_exptl_crystal.density_meas_gt             ? 
_exptl_crystal.density_meas_lt             ? 
_exptl_crystal.density_meas_temp           ? 
_exptl_crystal.density_meas_temp_esd       ? 
_exptl_crystal.density_meas_temp_gt        ? 
_exptl_crystal.density_meas_temp_lt        ? 
_exptl_crystal.pdbx_crystal_image_url      ? 
_exptl_crystal.pdbx_crystal_image_format   ? 
_exptl_crystal.pdbx_mosaicity              ? 
_exptl_crystal.pdbx_mosaicity_esd          ? 
# 
_exptl_crystal_grow.apparatus       ? 
_exptl_crystal_grow.atmosphere      ? 
_exptl_crystal_grow.crystal_id      1 
_exptl_crystal_grow.details         ? 
_exptl_crystal_grow.method          'VAPOR DIFFUSION, HANGING DROP' 
_exptl_crystal_grow.method_ref      ? 
_exptl_crystal_grow.pH              5.5 
_exptl_crystal_grow.pressure        ? 
_exptl_crystal_grow.pressure_esd    ? 
_exptl_crystal_grow.seeding         ? 
_exptl_crystal_grow.seeding_ref     ? 
_exptl_crystal_grow.temp            298 
_exptl_crystal_grow.temp_details    ? 
_exptl_crystal_grow.temp_esd        ? 
_exptl_crystal_grow.time            ? 
_exptl_crystal_grow.pdbx_details    
;YTIAAL crystals were grown from a solution containing 10mg/mL peptide. The reservoir contained 100mM Bis-Tris pH 5.5 and 3 M sodium chloride. Crystals were soaked on 25% Glycerol, prior to diffraction
;
_exptl_crystal_grow.pdbx_pH_range   ? 
# 
_diffrn.ambient_environment    ? 
_diffrn.ambient_temp           100 
_diffrn.ambient_temp_details   ? 
_diffrn.ambient_temp_esd       ? 
_diffrn.crystal_id             1 
_diffrn.crystal_support        ? 
_diffrn.crystal_treatment      ? 
_diffrn.details                ? 
_diffrn.id                     1 
_diffrn.ambient_pressure       ? 
_diffrn.ambient_pressure_esd   ? 
_diffrn.ambient_pressure_gt    ? 
_diffrn.ambient_pressure_lt    ? 
_diffrn.ambient_temp_gt        ? 
_diffrn.ambient_temp_lt        ? 
# 
_diffrn_detector.details                      ? 
_diffrn_detector.detector                     CCD 
_diffrn_detector.diffrn_id                    1 
_diffrn_detector.type                         MARRESEARCH 
_diffrn_detector.area_resol_mean              ? 
_diffrn_detector.dtime                        ? 
_diffrn_detector.pdbx_frames_total            ? 
_diffrn_detector.pdbx_collection_time_total   ? 
_diffrn_detector.pdbx_collection_date         2007-07-13 
# 
_diffrn_radiation.collimation                      ? 
_diffrn_radiation.diffrn_id                        1 
_diffrn_radiation.filter_edge                      ? 
_diffrn_radiation.inhomogeneity                    ? 
_diffrn_radiation.monochromator                    ? 
_diffrn_radiation.polarisn_norm                    ? 
_diffrn_radiation.polarisn_ratio                   ? 
_diffrn_radiation.probe                            ? 
_diffrn_radiation.type                             ? 
_diffrn_radiation.xray_symbol                      ? 
_diffrn_radiation.wavelength_id                    1 
_diffrn_radiation.pdbx_monochromatic_or_laue_m_l   M 
_diffrn_radiation.pdbx_wavelength_list             ? 
_diffrn_radiation.pdbx_wavelength                  ? 
_diffrn_radiation.pdbx_diffrn_protocol             'SINGLE WAVELENGTH' 
_diffrn_radiation.pdbx_analyzer                    ? 
_diffrn_radiation.pdbx_scattering_type             x-ray 
# 
_diffrn_radiation_wavelength.id           1 
_diffrn_radiation_wavelength.wavelength   0.895432 
_diffrn_radiation_wavelength.wt           1.0 
# 
_diffrn_source.current                     ? 
_diffrn_source.details                     ? 
_diffrn_source.diffrn_id                   1 
_diffrn_source.power                       ? 
_diffrn_source.size                        ? 
_diffrn_source.source                      SYNCHROTRON 
_diffrn_source.target                      ? 
_diffrn_source.type                        'ESRF BEAMLINE ID13' 
_diffrn_source.voltage                     ? 
_diffrn_source.take-off_angle              ? 
_diffrn_source.pdbx_wavelength_list        0.895432 
_diffrn_source.pdbx_wavelength             ? 
_diffrn_source.pdbx_synchrotron_beamline   ID13 
_diffrn_source.pdbx_synchrotron_site       ESRF 
# 
_reflns.B_iso_Wilson_estimate            10.220 
_reflns.entry_id                         6C3S 
_reflns.data_reduction_details           ? 
_reflns.data_reduction_method            ? 
_reflns.d_resolution_high                1.600 
_reflns.d_resolution_low                 90.000 
_reflns.details                          ? 
_reflns.limit_h_max                      ? 
_reflns.limit_h_min                      ? 
_reflns.limit_k_max                      ? 
_reflns.limit_k_min                      ? 
_reflns.limit_l_max                      ? 
_reflns.limit_l_min                      ? 
_reflns.number_all                       ? 
_reflns.number_obs                       625 
_reflns.observed_criterion               ? 
_reflns.observed_criterion_F_max         ? 
_reflns.observed_criterion_F_min         ? 
_reflns.observed_criterion_I_max         ? 
_reflns.observed_criterion_I_min         ? 
_reflns.observed_criterion_sigma_F       ? 
_reflns.observed_criterion_sigma_I       ? 
_reflns.percent_possible_obs             98.900 
_reflns.R_free_details                   ? 
_reflns.Rmerge_F_all                     ? 
_reflns.Rmerge_F_obs                     ? 
_reflns.Friedel_coverage                 ? 
_reflns.number_gt                        ? 
_reflns.threshold_expression             ? 
_reflns.pdbx_redundancy                  5.600 
_reflns.pdbx_Rmerge_I_obs                0.103 
_reflns.pdbx_Rmerge_I_all                ? 
_reflns.pdbx_Rsym_value                  ? 
_reflns.pdbx_netI_over_av_sigmaI         ? 
_reflns.pdbx_netI_over_sigmaI            9.600 
_reflns.pdbx_res_netI_over_av_sigmaI_2   ? 
_reflns.pdbx_res_netI_over_sigmaI_2      ? 
_reflns.pdbx_chi_squared                 1.006 
_reflns.pdbx_scaling_rejects             ? 
_reflns.pdbx_d_res_high_opt              ? 
_reflns.pdbx_d_res_low_opt               ? 
_reflns.pdbx_d_res_opt_method            ? 
_reflns.phase_calculation_details        ? 
_reflns.pdbx_Rrim_I_all                  ? 
_reflns.pdbx_Rpim_I_all                  ? 
_reflns.pdbx_d_opt                       ? 
_reflns.pdbx_number_measured_all         3501 
_reflns.pdbx_diffrn_id                   1 
_reflns.pdbx_ordinal                     1 
_reflns.pdbx_CC_half                     ? 
_reflns.pdbx_R_split                     ? 
# 
loop_
_reflns_shell.d_res_high 
_reflns_shell.d_res_low 
_reflns_shell.meanI_over_sigI_all 
_reflns_shell.meanI_over_sigI_obs 
_reflns_shell.number_measured_all 
_reflns_shell.number_measured_obs 
_reflns_shell.number_possible 
_reflns_shell.number_unique_all 
_reflns_shell.number_unique_obs 
_reflns_shell.percent_possible_all 
_reflns_shell.percent_possible_obs 
_reflns_shell.Rmerge_F_all 
_reflns_shell.Rmerge_F_obs 
_reflns_shell.Rmerge_I_all 
_reflns_shell.Rmerge_I_obs 
_reflns_shell.meanI_over_sigI_gt 
_reflns_shell.meanI_over_uI_all 
_reflns_shell.meanI_over_uI_gt 
_reflns_shell.number_measured_gt 
_reflns_shell.number_unique_gt 
_reflns_shell.percent_possible_gt 
_reflns_shell.Rmerge_F_gt 
_reflns_shell.Rmerge_I_gt 
_reflns_shell.pdbx_redundancy 
_reflns_shell.pdbx_Rsym_value 
_reflns_shell.pdbx_chi_squared 
_reflns_shell.pdbx_netI_over_sigmaI_all 
_reflns_shell.pdbx_netI_over_sigmaI_obs 
_reflns_shell.pdbx_Rrim_I_all 
_reflns_shell.pdbx_Rpim_I_all 
_reflns_shell.pdbx_rejects 
_reflns_shell.pdbx_ordinal 
_reflns_shell.pdbx_diffrn_id 
_reflns_shell.pdbx_CC_half 
_reflns_shell.pdbx_R_split 
1.600 1.720  ? ? ? ? ? ? 112 99.100  ? ? ? ? 0.318 ? ? ? ? ? ? ? ? 5.400 ? 0.861 ? ? ? ? ? 1 1 ? ? 
1.720 1.900  ? ? ? ? ? ? 129 100.000 ? ? ? ? 0.175 ? ? ? ? ? ? ? ? 5.400 ? 1.104 ? ? ? ? ? 2 1 ? ? 
1.900 2.170  ? ? ? ? ? ? 118 100.000 ? ? ? ? 0.147 ? ? ? ? ? ? ? ? 6.000 ? 0.968 ? ? ? ? ? 3 1 ? ? 
2.170 2.740  ? ? ? ? ? ? 127 100.000 ? ? ? ? 0.104 ? ? ? ? ? ? ? ? 5.700 ? 1.064 ? ? ? ? ? 4 1 ? ? 
2.740 90.000 ? ? ? ? ? ? 139 95.900  ? ? ? ? 0.068 ? ? ? ? ? ? ? ? 5.400 ? 1.009 ? ? ? ? ? 5 1 ? ? 
# 
_refine.aniso_B[1][1]                            ? 
_refine.aniso_B[1][2]                            ? 
_refine.aniso_B[1][3]                            ? 
_refine.aniso_B[2][2]                            ? 
_refine.aniso_B[2][3]                            ? 
_refine.aniso_B[3][3]                            ? 
_refine.B_iso_max                                28.350 
_refine.B_iso_mean                               13.4300 
_refine.B_iso_min                                4.560 
_refine.correlation_coeff_Fo_to_Fc               ? 
_refine.correlation_coeff_Fo_to_Fc_free          ? 
_refine.details                                  ? 
_refine.diff_density_max                         ? 
_refine.diff_density_max_esd                     ? 
_refine.diff_density_min                         ? 
_refine.diff_density_min_esd                     ? 
_refine.diff_density_rms                         ? 
_refine.diff_density_rms_esd                     ? 
_refine.entry_id                                 6C3S 
_refine.pdbx_refine_id                           'X-RAY DIFFRACTION' 
_refine.ls_abs_structure_details                 ? 
_refine.ls_abs_structure_Flack                   ? 
_refine.ls_abs_structure_Flack_esd               ? 
_refine.ls_abs_structure_Rogers                  ? 
_refine.ls_abs_structure_Rogers_esd              ? 
_refine.ls_d_res_high                            1.6020 
_refine.ls_d_res_low                             22.3980 
_refine.ls_extinction_coef                       ? 
_refine.ls_extinction_coef_esd                   ? 
_refine.ls_extinction_expression                 ? 
_refine.ls_extinction_method                     ? 
_refine.ls_goodness_of_fit_all                   ? 
_refine.ls_goodness_of_fit_all_esd               ? 
_refine.ls_goodness_of_fit_obs                   ? 
_refine.ls_goodness_of_fit_obs_esd               ? 
_refine.ls_hydrogen_treatment                    ? 
_refine.ls_matrix_type                           ? 
_refine.ls_number_constraints                    ? 
_refine.ls_number_parameters                     ? 
_refine.ls_number_reflns_all                     ? 
_refine.ls_number_reflns_obs                     620 
_refine.ls_number_reflns_R_free                  57 
_refine.ls_number_reflns_R_work                  ? 
_refine.ls_number_restraints                     ? 
_refine.ls_percent_reflns_obs                    98.5700 
_refine.ls_percent_reflns_R_free                 9.1900 
_refine.ls_R_factor_all                          ? 
_refine.ls_R_factor_obs                          0.2036 
_refine.ls_R_factor_R_free                       0.2440 
_refine.ls_R_factor_R_free_error                 ? 
_refine.ls_R_factor_R_free_error_details         ? 
_refine.ls_R_factor_R_work                       0.1997 
_refine.ls_R_Fsqd_factor_obs                     ? 
_refine.ls_R_I_factor_obs                        ? 
_refine.ls_redundancy_reflns_all                 ? 
_refine.ls_redundancy_reflns_obs                 ? 
_refine.ls_restrained_S_all                      ? 
_refine.ls_restrained_S_obs                      ? 
_refine.ls_shift_over_esd_max                    ? 
_refine.ls_shift_over_esd_mean                   ? 
_refine.ls_structure_factor_coef                 ? 
_refine.ls_weighting_details                     ? 
_refine.ls_weighting_scheme                      ? 
_refine.ls_wR_factor_all                         ? 
_refine.ls_wR_factor_obs                         ? 
_refine.ls_wR_factor_R_free                      ? 
_refine.ls_wR_factor_R_work                      ? 
_refine.occupancy_max                            ? 
_refine.occupancy_min                            ? 
_refine.solvent_model_details                    ? 
_refine.solvent_model_param_bsol                 ? 
_refine.solvent_model_param_ksol                 ? 
_refine.ls_R_factor_gt                           ? 
_refine.ls_goodness_of_fit_gt                    ? 
_refine.ls_goodness_of_fit_ref                   ? 
_refine.ls_shift_over_su_max                     ? 
_refine.ls_shift_over_su_max_lt                  ? 
_refine.ls_shift_over_su_mean                    ? 
_refine.ls_shift_over_su_mean_lt                 ? 
_refine.pdbx_ls_sigma_I                          ? 
_refine.pdbx_ls_sigma_F                          1.400 
_refine.pdbx_ls_sigma_Fsqd                       ? 
_refine.pdbx_data_cutoff_high_absF               ? 
_refine.pdbx_data_cutoff_high_rms_absF           ? 
_refine.pdbx_data_cutoff_low_absF                ? 
_refine.pdbx_isotropic_thermal_model             ? 
_refine.pdbx_ls_cross_valid_method               THROUGHOUT 
_refine.pdbx_method_to_determine_struct          'MOLECULAR REPLACEMENT' 
_refine.pdbx_starting_model                      'Ideal beta strand' 
_refine.pdbx_stereochemistry_target_values       ? 
_refine.pdbx_R_Free_selection_details            ? 
_refine.pdbx_stereochem_target_val_spec_case     ? 
_refine.pdbx_overall_ESU_R                       ? 
_refine.pdbx_overall_ESU_R_Free                  ? 
_refine.pdbx_solvent_vdw_probe_radii             1.1100 
_refine.pdbx_solvent_ion_probe_radii             ? 
_refine.pdbx_solvent_shrinkage_radii             0.9000 
_refine.pdbx_real_space_R                        ? 
_refine.pdbx_density_correlation                 ? 
_refine.pdbx_pd_number_of_powder_patterns        ? 
_refine.pdbx_pd_number_of_points                 ? 
_refine.pdbx_pd_meas_number_of_points            ? 
_refine.pdbx_pd_proc_ls_prof_R_factor            ? 
_refine.pdbx_pd_proc_ls_prof_wR_factor           ? 
_refine.pdbx_pd_Marquardt_correlation_coeff      ? 
_refine.pdbx_pd_Fsqrd_R_factor                   ? 
_refine.pdbx_pd_ls_matrix_band_width             ? 
_refine.pdbx_overall_phase_error                 28.0300 
_refine.pdbx_overall_SU_R_free_Cruickshank_DPI   ? 
_refine.pdbx_overall_SU_R_free_Blow_DPI          ? 
_refine.pdbx_overall_SU_R_Blow_DPI               ? 
_refine.pdbx_TLS_residual_ADP_flag               ? 
_refine.pdbx_diffrn_id                           1 
_refine.overall_SU_B                             ? 
_refine.overall_SU_ML                            0.0800 
_refine.overall_SU_R_Cruickshank_DPI             ? 
_refine.overall_SU_R_free                        ? 
_refine.overall_FOM_free_R_set                   ? 
_refine.overall_FOM_work_R_set                   ? 
_refine.pdbx_average_fsc_overall                 ? 
_refine.pdbx_average_fsc_work                    ? 
_refine.pdbx_average_fsc_free                    ? 
# 
_refine_hist.cycle_id                         final 
_refine_hist.pdbx_refine_id                   'X-RAY DIFFRACTION' 
_refine_hist.d_res_high                       1.6020 
_refine_hist.d_res_low                        22.3980 
_refine_hist.pdbx_number_atoms_ligand         0 
_refine_hist.number_atoms_solvent             4 
_refine_hist.number_atoms_total               50 
_refine_hist.pdbx_number_residues_total       6 
_refine_hist.pdbx_B_iso_mean_solvent          20.99 
_refine_hist.pdbx_number_atoms_protein        46 
_refine_hist.pdbx_number_atoms_nucleic_acid   0 
# 
loop_
_refine_ls_restr.pdbx_refine_id 
_refine_ls_restr.criterion 
_refine_ls_restr.dev_ideal 
_refine_ls_restr.dev_ideal_target 
_refine_ls_restr.number 
_refine_ls_restr.rejects 
_refine_ls_restr.type 
_refine_ls_restr.weight 
_refine_ls_restr.pdbx_restraint_function 
'X-RAY DIFFRACTION' ? 0.007  ? 46 ? f_bond_d           ? ? 
'X-RAY DIFFRACTION' ? 0.896  ? 63 ? f_angle_d          ? ? 
'X-RAY DIFFRACTION' ? 0.031  ? 9  ? f_chiral_restr     ? ? 
'X-RAY DIFFRACTION' ? 0.003  ? 7  ? f_plane_restr      ? ? 
'X-RAY DIFFRACTION' ? 12.595 ? 14 ? f_dihedral_angle_d ? ? 
# 
_refine_ls_shell.pdbx_refine_id                   'X-RAY DIFFRACTION' 
_refine_ls_shell.d_res_high                       1.6022 
_refine_ls_shell.d_res_low                        1.659 
_refine_ls_shell.number_reflns_all                ? 
_refine_ls_shell.number_reflns_obs                60 
_refine_ls_shell.number_reflns_R_free             ? 
_refine_ls_shell.number_reflns_R_work             563 
_refine_ls_shell.percent_reflns_obs               98.36 
_refine_ls_shell.percent_reflns_R_free            14 
_refine_ls_shell.R_factor_all                     ? 
_refine_ls_shell.R_factor_obs                     ? 
_refine_ls_shell.R_factor_R_free                  0.1911 
_refine_ls_shell.R_factor_R_free_error            0.0000 
_refine_ls_shell.R_factor_R_work                  0.2888 
_refine_ls_shell.redundancy_reflns_all            ? 
_refine_ls_shell.redundancy_reflns_obs            ? 
_refine_ls_shell.wR_factor_all                    ? 
_refine_ls_shell.wR_factor_obs                    ? 
_refine_ls_shell.wR_factor_R_free                 ? 
_refine_ls_shell.wR_factor_R_work                 ? 
_refine_ls_shell.pdbx_total_number_of_bins_used   1 
_refine_ls_shell.pdbx_phase_error                 ? 
_refine_ls_shell.pdbx_fsc_work                    ? 
_refine_ls_shell.pdbx_fsc_free                    ? 
# 
_struct.entry_id                     6C3S 
_struct.title                        'AMYLOID FORMING PEPTIDE YTIAAL FROM TRANSTHYRETIN' 
_struct.pdbx_model_details           ? 
_struct.pdbx_formula_weight          ? 
_struct.pdbx_formula_weight_method   ? 
_struct.pdbx_model_type_details      ? 
_struct.pdbx_CASP_flag               N 
# 
_struct_keywords.entry_id        6C3S 
_struct_keywords.text            'amyloid, transthyretin, fibril, PROTEIN FIBRIL' 
_struct_keywords.pdbx_keywords   'PROTEIN FIBRIL' 
# 
loop_
_struct_asym.id 
_struct_asym.pdbx_blank_PDB_chainid_flag 
_struct_asym.pdbx_modified 
_struct_asym.entity_id 
_struct_asym.details 
A N N 1 ? 
B N N 2 ? 
# 
_struct_ref.id                         1 
_struct_ref.db_name                    PDB 
_struct_ref.db_code                    6C3S 
_struct_ref.pdbx_db_accession          6C3S 
_struct_ref.pdbx_db_isoform            ? 
_struct_ref.entity_id                  1 
_struct_ref.pdbx_seq_one_letter_code   ? 
_struct_ref.pdbx_align_begin           1 
# 
_struct_ref_seq.align_id                      1 
_struct_ref_seq.ref_id                        1 
_struct_ref_seq.pdbx_PDB_id_code              6C3S 
_struct_ref_seq.pdbx_strand_id                A 
_struct_ref_seq.seq_align_beg                 1 
_struct_ref_seq.pdbx_seq_align_beg_ins_code   ? 
_struct_ref_seq.seq_align_end                 6 
_struct_ref_seq.pdbx_seq_align_end_ins_code   ? 
_struct_ref_seq.pdbx_db_accession             6C3S 
_struct_ref_seq.db_align_beg                  1 
_struct_ref_seq.pdbx_db_align_beg_ins_code    ? 
_struct_ref_seq.db_align_end                  6 
_struct_ref_seq.pdbx_db_align_end_ins_code    ? 
_struct_ref_seq.pdbx_auth_seq_align_beg       1 
_struct_ref_seq.pdbx_auth_seq_align_end       6 
# 
_pdbx_struct_assembly.id                   1 
_pdbx_struct_assembly.details              author_defined_assembly 
_pdbx_struct_assembly.method_details       ? 
_pdbx_struct_assembly.oligomeric_details   eicosameric 
_pdbx_struct_assembly.oligomeric_count     20 
# 
_pdbx_struct_assembly_gen.assembly_id       1 
_pdbx_struct_assembly_gen.oper_expression   1,2,3,4,5,6,7,8,9,10,11,12,13,14,15,16,17,18,19,20 
_pdbx_struct_assembly_gen.asym_id_list      A,B 
# 
_pdbx_struct_assembly_auth_evidence.id                     1 
_pdbx_struct_assembly_auth_evidence.assembly_id            1 
_pdbx_struct_assembly_auth_evidence.experimental_support   'scanning transmission electron microscopy' 
_pdbx_struct_assembly_auth_evidence.details                ? 
# 
loop_
_pdbx_struct_oper_list.id 
_pdbx_struct_oper_list.type 
_pdbx_struct_oper_list.name 
_pdbx_struct_oper_list.symmetry_operation 
_pdbx_struct_oper_list.matrix[1][1] 
_pdbx_struct_oper_list.matrix[1][2] 
_pdbx_struct_oper_list.matrix[1][3] 
_pdbx_struct_oper_list.vector[1] 
_pdbx_struct_oper_list.matrix[2][1] 
_pdbx_struct_oper_list.matrix[2][2] 
_pdbx_struct_oper_list.matrix[2][3] 
_pdbx_struct_oper_list.vector[2] 
_pdbx_struct_oper_list.matrix[3][1] 
_pdbx_struct_oper_list.matrix[3][2] 
_pdbx_struct_oper_list.matrix[3][3] 
_pdbx_struct_oper_list.vector[3] 
1  'identity operation'         1_555 x,y,z               1.0000000000  0.0000000000  0.0000000000  0.0000000000   0.0000000000  1.0000000000  0.0000000000  0.0000000000  0.0000000000  0.0000000000  1.0000000000  0.0000000000   
2  'crystal symmetry operation' 1_545 x,y-1,z             1.0000000000  0.0000000000  0.0000000000  -5.8536024928  0.0000000000  1.0000000000  0.0000000000  -2.8419386113 0.0000000000  0.0000000000  1.0000000000  -7.0282861912  
3  'crystal symmetry operation' 1_565 x,y+1,z             1.0000000000  0.0000000000  0.0000000000  5.8536024928   0.0000000000  1.0000000000  0.0000000000  2.8419386113  0.0000000000  0.0000000000  1.0000000000  7.0282861912   
4  'crystal symmetry operation' 1_575 x,y+2,z             1.0000000000  0.0000000000  0.0000000000  11.7072049857  0.0000000000  1.0000000000  0.0000000000  5.6838772225  0.0000000000  0.0000000000  1.0000000000  14.0565723824  
5  'crystal symmetry operation' 1_535 x,y-2,z             1.0000000000  0.0000000000  0.0000000000  -11.7072049857 0.0000000000  1.0000000000  0.0000000000  -5.6838772225 0.0000000000  0.0000000000  1.0000000000  -14.0565723824 
6  'crystal symmetry operation' 2_455 -x-1,-y,z           0.1724102583  0.0206527158  -0.9848086962 1.9564447677   0.0206527158  -0.9996361899 -0.0173480008 10.7396110128 -0.9848086962 -0.0173480008 -0.1727740683 2.5543621402   
7  'crystal symmetry operation' 2_465 -x-1,-y+1,z         0.1724102583  0.0206527158  -0.9848086962 7.8100472605   0.0206527158  -0.9996361899 -0.0173480008 13.5815496240 -0.9848086962 -0.0173480008 -0.1727740683 9.5826483314   
8  'crystal symmetry operation' 2_445 -x-1,-y-1,z         0.1724102583  0.0206527158  -0.9848086962 -3.8971577252  0.0206527158  -0.9996361899 -0.0173480008 7.8976724015  -0.9848086962 -0.0173480008 -0.1727740683 -4.4739240510  
9  'crystal symmetry operation' 2_435 -x-1,-y-2,z         0.1724102583  0.0206527158  -0.9848086962 -9.7507602180  0.0206527158  -0.9996361899 -0.0173480008 5.0557337903  -0.9848086962 -0.0173480008 -0.1727740683 -11.5022102423 
10 'crystal symmetry operation' 2_475 -x-1,-y+2,z         0.1724102583  0.0206527158  -0.9848086962 13.6636497533  0.0206527158  -0.9996361899 -0.0173480008 16.4234882353 -0.9848086962 -0.0173480008 -0.1727740683 16.6109345226  
11 'crystal symmetry operation' 7_454 -x-1/2,y+1/2,-z-1/2 -0.2529893660 0.3626755261  0.8969185266  3.4035538054   0.3626755261  -0.8239201274 0.4354561819  1.3622791280  0.8969185266  0.4354561819  0.0769094935  3.1408051276   
12 'crystal symmetry operation' 7_444 -x-1/2,y-1/2,-z-1/2 -0.2529893660 0.3626755261  0.8969185266  -2.4500486875  0.3626755261  -0.8239201274 0.4354561819  -1.4796594833 0.8969185266  0.4354561819  0.0769094935  -3.8874810636  
13 'crystal symmetry operation' 7_464 -x-1/2,y+3/2,-z-1/2 -0.2529893660 0.3626755261  0.8969185266  9.2571562982   0.3626755261  -0.8239201274 0.4354561819  4.2042177392  0.8969185266  0.4354561819  0.0769094935  10.1690913188  
14 'crystal symmetry operation' 7_434 -x-1/2,y-3/2,-z-1/2 -0.2529893660 0.3626755261  0.8969185266  -8.3036511803  0.3626755261  -0.8239201274 0.4354561819  -4.3215980945 0.8969185266  0.4354561819  0.0769094935  -10.9157672549 
15 'crystal symmetry operation' 7_474 -x-1/2,y+5/2,-z-1/2 -0.2529893660 0.3626755261  0.8969185266  15.1107587910  0.3626755261  -0.8239201274 0.4354561819  7.0461563505  0.8969185266  0.4354561819  0.0769094935  17.1973775100  
16 'crystal symmetry operation' 8_444 x-1/2,-y-1/2,-z-1/2 -0.9194208922 -0.3833282419 0.0878901696  -0.5217050809  -0.3833282419 0.8235563174  -0.4181081811 9.3936334352  0.0878901696  -0.4181081811 -0.9041354251 -1.3637697446  
17 'crystal symmetry operation' 8_454 x-1/2,-y+1/2,-z-1/2 -0.9194208922 -0.3833282419 0.0878901696  5.3318974119   -0.3833282419 0.8235563174  -0.4181081811 12.2355720464 0.0878901696  -0.4181081811 -0.9041354251 5.6645164467   
18 'crystal symmetry operation' 8_434 x-1/2,-y-3/2,-z-1/2 -0.9194208922 -0.3833282419 0.0878901696  -6.3753075738  -0.3833282419 0.8235563174  -0.4181081811 6.5516948239  0.0878901696  -0.4181081811 -0.9041354251 -8.3920559358  
19 'crystal symmetry operation' 8_464 x-1/2,-y+3/2,-z-1/2 -0.9194208922 -0.3833282419 0.0878901696  11.1854999047  -0.3833282419 0.8235563174  -0.4181081811 15.0775106577 0.0878901696  -0.4181081811 -0.9041354251 12.6928026379  
20 'crystal symmetry operation' 8_424 x-1/2,-y-5/2,-z-1/2 -0.9194208922 -0.3833282419 0.0878901696  -12.2289100666 -0.3833282419 0.8235563174  -0.4181081811 3.7097562127  0.0878901696  -0.4181081811 -0.9041354251 -15.4203421270 
# 
_pdbx_struct_special_symmetry.id              1 
_pdbx_struct_special_symmetry.PDB_model_num   1 
_pdbx_struct_special_symmetry.auth_asym_id    A 
_pdbx_struct_special_symmetry.auth_comp_id    HOH 
_pdbx_struct_special_symmetry.auth_seq_id     102 
_pdbx_struct_special_symmetry.PDB_ins_code    ? 
_pdbx_struct_special_symmetry.label_asym_id   B 
_pdbx_struct_special_symmetry.label_comp_id   HOH 
_pdbx_struct_special_symmetry.label_seq_id    . 
# 
loop_
_chem_comp_atom.comp_id 
_chem_comp_atom.atom_id 
_chem_comp_atom.type_symbol 
_chem_comp_atom.pdbx_aromatic_flag 
_chem_comp_atom.pdbx_stereo_config 
_chem_comp_atom.pdbx_ordinal 
ALA N    N N N 1   
ALA CA   C N S 2   
ALA C    C N N 3   
ALA O    O N N 4   
ALA CB   C N N 5   
ALA OXT  O N N 6   
ALA H    H N N 7   
ALA H2   H N N 8   
ALA HA   H N N 9   
ALA HB1  H N N 10  
ALA HB2  H N N 11  
ALA HB3  H N N 12  
ALA HXT  H N N 13  
HOH O    O N N 14  
HOH H1   H N N 15  
HOH H2   H N N 16  
ILE N    N N N 17  
ILE CA   C N S 18  
ILE C    C N N 19  
ILE O    O N N 20  
ILE CB   C N S 21  
ILE CG1  C N N 22  
ILE CG2  C N N 23  
ILE CD1  C N N 24  
ILE OXT  O N N 25  
ILE H    H N N 26  
ILE H2   H N N 27  
ILE HA   H N N 28  
ILE HB   H N N 29  
ILE HG12 H N N 30  
ILE HG13 H N N 31  
ILE HG21 H N N 32  
ILE HG22 H N N 33  
ILE HG23 H N N 34  
ILE HD11 H N N 35  
ILE HD12 H N N 36  
ILE HD13 H N N 37  
ILE HXT  H N N 38  
LEU N    N N N 39  
LEU CA   C N S 40  
LEU C    C N N 41  
LEU O    O N N 42  
LEU CB   C N N 43  
LEU CG   C N N 44  
LEU CD1  C N N 45  
LEU CD2  C N N 46  
LEU OXT  O N N 47  
LEU H    H N N 48  
LEU H2   H N N 49  
LEU HA   H N N 50  
LEU HB2  H N N 51  
LEU HB3  H N N 52  
LEU HG   H N N 53  
LEU HD11 H N N 54  
LEU HD12 H N N 55  
LEU HD13 H N N 56  
LEU HD21 H N N 57  
LEU HD22 H N N 58  
LEU HD23 H N N 59  
LEU HXT  H N N 60  
THR N    N N N 61  
THR CA   C N S 62  
THR C    C N N 63  
THR O    O N N 64  
THR CB   C N R 65  
THR OG1  O N N 66  
THR CG2  C N N 67  
THR OXT  O N N 68  
THR H    H N N 69  
THR H2   H N N 70  
THR HA   H N N 71  
THR HB   H N N 72  
THR HG1  H N N 73  
THR HG21 H N N 74  
THR HG22 H N N 75  
THR HG23 H N N 76  
THR HXT  H N N 77  
TYR N    N N N 78  
TYR CA   C N S 79  
TYR C    C N N 80  
TYR O    O N N 81  
TYR CB   C N N 82  
TYR CG   C Y N 83  
TYR CD1  C Y N 84  
TYR CD2  C Y N 85  
TYR CE1  C Y N 86  
TYR CE2  C Y N 87  
TYR CZ   C Y N 88  
TYR OH   O N N 89  
TYR OXT  O N N 90  
TYR H    H N N 91  
TYR H2   H N N 92  
TYR HA   H N N 93  
TYR HB2  H N N 94  
TYR HB3  H N N 95  
TYR HD1  H N N 96  
TYR HD2  H N N 97  
TYR HE1  H N N 98  
TYR HE2  H N N 99  
TYR HH   H N N 100 
TYR HXT  H N N 101 
# 
loop_
_chem_comp_bond.comp_id 
_chem_comp_bond.atom_id_1 
_chem_comp_bond.atom_id_2 
_chem_comp_bond.value_order 
_chem_comp_bond.pdbx_aromatic_flag 
_chem_comp_bond.pdbx_stereo_config 
_chem_comp_bond.pdbx_ordinal 
ALA N   CA   sing N N 1  
ALA N   H    sing N N 2  
ALA N   H2   sing N N 3  
ALA CA  C    sing N N 4  
ALA CA  CB   sing N N 5  
ALA CA  HA   sing N N 6  
ALA C   O    doub N N 7  
ALA C   OXT  sing N N 8  
ALA CB  HB1  sing N N 9  
ALA CB  HB2  sing N N 10 
ALA CB  HB3  sing N N 11 
ALA OXT HXT  sing N N 12 
HOH O   H1   sing N N 13 
HOH O   H2   sing N N 14 
ILE N   CA   sing N N 15 
ILE N   H    sing N N 16 
ILE N   H2   sing N N 17 
ILE CA  C    sing N N 18 
ILE CA  CB   sing N N 19 
ILE CA  HA   sing N N 20 
ILE C   O    doub N N 21 
ILE C   OXT  sing N N 22 
ILE CB  CG1  sing N N 23 
ILE CB  CG2  sing N N 24 
ILE CB  HB   sing N N 25 
ILE CG1 CD1  sing N N 26 
ILE CG1 HG12 sing N N 27 
ILE CG1 HG13 sing N N 28 
ILE CG2 HG21 sing N N 29 
ILE CG2 HG22 sing N N 30 
ILE CG2 HG23 sing N N 31 
ILE CD1 HD11 sing N N 32 
ILE CD1 HD12 sing N N 33 
ILE CD1 HD13 sing N N 34 
ILE OXT HXT  sing N N 35 
LEU N   CA   sing N N 36 
LEU N   H    sing N N 37 
LEU N   H2   sing N N 38 
LEU CA  C    sing N N 39 
LEU CA  CB   sing N N 40 
LEU CA  HA   sing N N 41 
LEU C   O    doub N N 42 
LEU C   OXT  sing N N 43 
LEU CB  CG   sing N N 44 
LEU CB  HB2  sing N N 45 
LEU CB  HB3  sing N N 46 
LEU CG  CD1  sing N N 47 
LEU CG  CD2  sing N N 48 
LEU CG  HG   sing N N 49 
LEU CD1 HD11 sing N N 50 
LEU CD1 HD12 sing N N 51 
LEU CD1 HD13 sing N N 52 
LEU CD2 HD21 sing N N 53 
LEU CD2 HD22 sing N N 54 
LEU CD2 HD23 sing N N 55 
LEU OXT HXT  sing N N 56 
THR N   CA   sing N N 57 
THR N   H    sing N N 58 
THR N   H2   sing N N 59 
THR CA  C    sing N N 60 
THR CA  CB   sing N N 61 
THR CA  HA   sing N N 62 
THR C   O    doub N N 63 
THR C   OXT  sing N N 64 
THR CB  OG1  sing N N 65 
THR CB  CG2  sing N N 66 
THR CB  HB   sing N N 67 
THR OG1 HG1  sing N N 68 
THR CG2 HG21 sing N N 69 
THR CG2 HG22 sing N N 70 
THR CG2 HG23 sing N N 71 
THR OXT HXT  sing N N 72 
TYR N   CA   sing N N 73 
TYR N   H    sing N N 74 
TYR N   H2   sing N N 75 
TYR CA  C    sing N N 76 
TYR CA  CB   sing N N 77 
TYR CA  HA   sing N N 78 
TYR C   O    doub N N 79 
TYR C   OXT  sing N N 80 
TYR CB  CG   sing N N 81 
TYR CB  HB2  sing N N 82 
TYR CB  HB3  sing N N 83 
TYR CG  CD1  doub Y N 84 
TYR CG  CD2  sing Y N 85 
TYR CD1 CE1  sing Y N 86 
TYR CD1 HD1  sing N N 87 
TYR CD2 CE2  doub Y N 88 
TYR CD2 HD2  sing N N 89 
TYR CE1 CZ   doub Y N 90 
TYR CE1 HE1  sing N N 91 
TYR CE2 CZ   sing Y N 92 
TYR CE2 HE2  sing N N 93 
TYR CZ  OH   sing N N 94 
TYR OH  HH   sing N N 95 
TYR OXT HXT  sing N N 96 
# 
_pdbx_initial_refinement_model.accession_code   ? 
_pdbx_initial_refinement_model.id               1 
_pdbx_initial_refinement_model.entity_id_list   ? 
_pdbx_initial_refinement_model.type             'in silico model' 
_pdbx_initial_refinement_model.source_name      Other 
_pdbx_initial_refinement_model.details          'Ideal beta strand' 
# 
_atom_sites.entry_id                    6C3S 
_atom_sites.fract_transf_matrix[1][1]   0.01070755 
_atom_sites.fract_transf_matrix[1][2]   -0.05093758 
_atom_sites.fract_transf_matrix[1][3]   0.01167906 
_atom_sites.fract_transf_matrix[2][1]   0.06380781 
_atom_sites.fract_transf_matrix[2][2]   0.03097885 
_atom_sites.fract_transf_matrix[2][3]   0.07661258 
_atom_sites.fract_transf_matrix[3][1]   -0.01709139 
_atom_sites.fract_transf_matrix[3][2]   -0.00030108 
_atom_sites.fract_transf_matrix[3][3]   0.01435653 
_atom_sites.fract_transf_vector[1]      -0.251868 
_atom_sites.fract_transf_vector[2]      -0.326617 
_atom_sites.fract_transf_vector[3]      -0.243250 
# 
loop_
_atom_type.symbol 
C 
N 
O 
# 
loop_
_atom_site.group_PDB 
_atom_site.id 
_atom_site.type_symbol 
_atom_site.label_atom_id 
_atom_site.label_alt_id 
_atom_site.label_comp_id 
_atom_site.label_asym_id 
_atom_site.label_entity_id 
_atom_site.label_seq_id 
_atom_site.pdbx_PDB_ins_code 
_atom_site.Cartn_x 
_atom_site.Cartn_y 
_atom_site.Cartn_z 
_atom_site.occupancy 
_atom_site.B_iso_or_equiv 
_atom_site.pdbx_formal_charge 
_atom_site.auth_seq_id 
_atom_site.auth_comp_id 
_atom_site.auth_asym_id 
_atom_site.auth_atom_id 
_atom_site.pdbx_PDB_model_num 
ATOM   1  N N   . TYR A 1 1 ? 7.426   -1.091 -6.106 1.00 14.86 ? 1   TYR A N   1 
ATOM   2  C CA  . TYR A 1 1 ? 6.746   -0.130 -5.244 1.00 12.43 ? 1   TYR A CA  1 
ATOM   3  C C   . TYR A 1 1 ? 5.347   -0.607 -4.871 1.00 13.15 ? 1   TYR A C   1 
ATOM   4  O O   . TYR A 1 1 ? 4.464   -0.724 -5.725 1.00 13.19 ? 1   TYR A O   1 
ATOM   5  C CB  . TYR A 1 1 ? 6.661   1.235  -5.917 1.00 13.04 ? 1   TYR A CB  1 
ATOM   6  C CG  . TYR A 1 1 ? 5.818   2.223  -5.145 1.00 14.92 ? 1   TYR A CG  1 
ATOM   7  C CD1 . TYR A 1 1 ? 6.139   2.570  -3.838 1.00 14.44 ? 1   TYR A CD1 1 
ATOM   8  C CD2 . TYR A 1 1 ? 4.711   2.810  -5.723 1.00 22.26 ? 1   TYR A CD2 1 
ATOM   9  C CE1 . TYR A 1 1 ? 5.366   3.473  -3.123 1.00 16.86 ? 1   TYR A CE1 1 
ATOM   10 C CE2 . TYR A 1 1 ? 3.937   3.711  -5.026 1.00 23.29 ? 1   TYR A CE2 1 
ATOM   11 C CZ  . TYR A 1 1 ? 4.265   4.042  -3.729 1.00 19.34 ? 1   TYR A CZ  1 
ATOM   12 O OH  . TYR A 1 1 ? 3.482   4.947  -3.053 1.00 23.64 ? 1   TYR A OH  1 
ATOM   13 N N   . THR A 1 2 ? 5.158   -0.885 -3.587 1.00 9.35  ? 2   THR A N   1 
ATOM   14 C CA  . THR A 1 2 ? 3.890   -1.395 -3.078 1.00 7.09  ? 2   THR A CA  1 
ATOM   15 C C   . THR A 1 2 ? 3.345   -0.447 -2.034 1.00 6.24  ? 2   THR A C   1 
ATOM   16 O O   . THR A 1 2 ? 4.099   0.040  -1.193 1.00 5.36  ? 2   THR A O   1 
ATOM   17 C CB  . THR A 1 2 ? 4.064   -2.797 -2.459 1.00 11.00 ? 2   THR A CB  1 
ATOM   18 O OG1 . THR A 1 2 ? 4.418   -3.725 -3.492 1.00 12.66 ? 2   THR A OG1 1 
ATOM   19 C CG2 . THR A 1 2 ? 2.782   -3.269 -1.758 1.00 8.40  ? 2   THR A CG2 1 
ATOM   20 N N   . ILE A 1 3 ? 2.042   -0.190 -2.090 1.00 4.56  ? 3   ILE A N   1 
ATOM   21 C CA  . ILE A 1 3 ? 1.387   0.630  -1.092 1.00 5.18  ? 3   ILE A CA  1 
ATOM   22 C C   . ILE A 1 3 ? 0.034   0.005  -0.745 1.00 6.62  ? 3   ILE A C   1 
ATOM   23 O O   . ILE A 1 3 ? -0.702  -0.475 -1.624 1.00 5.52  ? 3   ILE A O   1 
ATOM   24 C CB  . ILE A 1 3 ? 1.232   2.109  -1.571 1.00 6.61  ? 3   ILE A CB  1 
ATOM   25 C CG1 . ILE A 1 3 ? 0.600   2.974  -0.475 1.00 7.08  ? 3   ILE A CG1 1 
ATOM   26 C CG2 . ILE A 1 3 ? 0.441   2.202  -2.879 1.00 7.65  ? 3   ILE A CG2 1 
ATOM   27 C CD1 . ILE A 1 3 ? 0.581   4.453  -0.819 1.00 9.40  ? 3   ILE A CD1 1 
ATOM   28 N N   . ALA A 1 4 ? -0.265  -0.033 0.547  1.00 5.02  ? 4   ALA A N   1 
ATOM   29 C CA  . ALA A 1 4 ? -1.534  -0.545 1.032  1.00 5.73  ? 4   ALA A CA  1 
ATOM   30 C C   . ALA A 1 4 ? -2.081  0.375  2.111  1.00 6.43  ? 4   ALA A C   1 
ATOM   31 O O   . ALA A 1 4 ? -1.348  0.796  3.013  1.00 6.31  ? 4   ALA A O   1 
ATOM   32 C CB  . ALA A 1 4 ? -1.377  -1.965 1.569  1.00 7.31  ? 4   ALA A CB  1 
ATOM   33 N N   . ALA A 1 5 ? -3.368  0.684  2.010  1.00 6.45  ? 5   ALA A N   1 
ATOM   34 C CA  . ALA A 1 5 ? -4.043  1.531  2.981  1.00 7.18  ? 5   ALA A CA  1 
ATOM   35 C C   . ALA A 1 5 ? -5.291  0.828  3.458  1.00 11.22 ? 5   ALA A C   1 
ATOM   36 O O   . ALA A 1 5 ? -6.154  0.449  2.656  1.00 12.65 ? 5   ALA A O   1 
ATOM   37 C CB  . ALA A 1 5 ? -4.384  2.870  2.384  1.00 8.81  ? 5   ALA A CB  1 
ATOM   38 N N   . LEU A 1 6 ? -5.372  0.657  4.769  1.00 11.17 ? 6   LEU A N   1 
ATOM   39 C CA  . LEU A 1 6 ? -6.446  -0.090 5.400  1.00 16.63 ? 6   LEU A CA  1 
ATOM   40 C C   . LEU A 1 6 ? -7.303  0.829  6.267  1.00 24.10 ? 6   LEU A C   1 
ATOM   41 O O   . LEU A 1 6 ? -6.851  1.891  6.715  1.00 27.87 ? 6   LEU A O   1 
ATOM   42 C CB  . LEU A 1 6 ? -5.857  -1.220 6.235  1.00 17.48 ? 6   LEU A CB  1 
ATOM   43 C CG  . LEU A 1 6 ? -6.804  -2.183 6.930  1.00 23.14 ? 6   LEU A CG  1 
ATOM   44 C CD1 . LEU A 1 6 ? -7.058  -3.359 6.019  0.23 21.38 ? 6   LEU A CD1 1 
ATOM   45 C CD2 . LEU A 1 6 ? -6.177  -2.628 8.234  1.00 26.01 ? 6   LEU A CD2 1 
ATOM   46 O OXT . LEU A 1 6 ? -8.471  0.539  6.539  1.00 28.35 ? 6   LEU A OXT 1 
HETATM 47 O O   . HOH B 2 . ? 7.063   -3.695 -4.430 1.00 14.78 ? 101 HOH A O   1 
HETATM 48 O O   . HOH B 2 . ? -10.007 2.447  5.082  0.50 27.11 ? 102 HOH A O   1 
HETATM 49 O O   . HOH B 2 . ? 2.085   1.145  -6.000 1.00 18.38 ? 103 HOH A O   1 
HETATM 50 O O   . HOH B 2 . ? -8.436  2.510  2.892  1.00 23.70 ? 104 HOH A O   1 
# 
